data_4UW9
#
_entry.id   4UW9
#
_cell.length_a   94.628
_cell.length_b   94.628
_cell.length_c   83.124
_cell.angle_alpha   90.00
_cell.angle_beta   90.00
_cell.angle_gamma   90.00
#
_symmetry.space_group_name_H-M   'I 41'
#
loop_
_entity.id
_entity.type
_entity.pdbx_description
1 polymer BETA-PHOSPHOGLUCOMUTASE
2 non-polymer 'MAGNESIUM ION'
3 water water
#
_entity_poly.entity_id   1
_entity_poly.type   'polypeptide(L)'
_entity_poly.pdbx_seq_one_letter_code
;(MSE)IGIIWDFDGVLVFTPHEKAWKIATE(MSE)YGATLTHDFFVKYVSGRPRYEGAANILSRLGIYQKLGVKTEEEKL
KLLLEFAELKNRIVNE(MSE)FERGEYEVNWEAIKFLLETKEKGIKNALASASKNAEKLARKIKVNNKSLLEIFDLNVSG
RAETKEDVFKLAKEELKLNFPEIKYFFVVEDAPSGIRAGKAIGAITLGYERESSLEEADFRFSSFGELSVDTLLSLIGGG
G
;
_entity_poly.pdbx_strand_id   A
#
# COMPACT_ATOMS: atom_id res chain seq x y z
N ILE A 2 22.51 -3.54 2.49
CA ILE A 2 21.24 -2.83 2.36
C ILE A 2 20.02 -3.76 2.43
N GLY A 3 18.99 -3.30 3.13
CA GLY A 3 17.70 -3.97 3.14
C GLY A 3 16.63 -3.07 2.54
N ILE A 4 15.79 -3.62 1.66
CA ILE A 4 14.67 -2.82 1.15
C ILE A 4 13.34 -3.48 1.55
N ILE A 5 12.45 -2.66 2.09
CA ILE A 5 11.14 -3.08 2.56
C ILE A 5 10.10 -2.59 1.56
N TRP A 6 9.40 -3.51 0.92
CA TRP A 6 8.46 -3.13 -0.14
C TRP A 6 6.99 -3.15 0.27
N ASP A 7 6.31 -2.02 0.13
CA ASP A 7 4.86 -2.11 0.11
C ASP A 7 4.46 -2.77 -1.21
N PHE A 8 3.23 -3.25 -1.27
CA PHE A 8 2.77 -4.05 -2.41
C PHE A 8 1.84 -3.27 -3.35
N ASP A 9 0.59 -3.08 -2.91
CA ASP A 9 -0.39 -2.38 -3.70
C ASP A 9 0.02 -0.92 -3.89
N GLY A 10 -0.08 -0.45 -5.13
CA GLY A 10 0.37 0.88 -5.49
C GLY A 10 1.83 0.93 -5.87
N VAL A 11 2.57 -0.18 -5.64
CA VAL A 11 3.99 -0.22 -5.95
C VAL A 11 4.31 -1.31 -6.95
N LEU A 12 4.09 -2.56 -6.57
CA LEU A 12 4.42 -3.71 -7.39
C LEU A 12 3.22 -4.11 -8.23
N VAL A 13 2.07 -3.63 -7.79
CA VAL A 13 0.80 -3.97 -8.41
C VAL A 13 -0.17 -2.79 -8.27
N PHE A 14 -1.02 -2.56 -9.26
CA PHE A 14 -2.01 -1.50 -9.18
C PHE A 14 -3.38 -2.10 -9.11
N THR A 15 -4.18 -1.69 -8.13
CA THR A 15 -5.59 -2.10 -8.05
C THR A 15 -6.53 -0.88 -8.08
N PRO A 16 -7.82 -1.08 -8.40
CA PRO A 16 -8.66 0.13 -8.51
C PRO A 16 -9.21 0.57 -7.16
N HIS A 17 -8.66 1.64 -6.58
CA HIS A 17 -8.98 2.03 -5.19
C HIS A 17 -10.32 2.77 -5.07
N GLU A 18 -10.42 3.85 -5.83
CA GLU A 18 -11.67 4.57 -5.96
C GLU A 18 -12.83 3.63 -6.34
N LYS A 19 -12.57 2.64 -7.19
CA LYS A 19 -13.67 1.82 -7.73
C LYS A 19 -14.48 1.06 -6.65
N ALA A 20 -13.80 0.42 -5.70
CA ALA A 20 -14.44 -0.28 -4.57
C ALA A 20 -15.38 0.65 -3.79
N TRP A 21 -14.91 1.84 -3.46
CA TRP A 21 -15.76 2.83 -2.79
C TRP A 21 -16.95 3.26 -3.67
N LYS A 22 -16.72 3.37 -4.97
CA LYS A 22 -17.75 3.87 -5.87
C LYS A 22 -18.90 2.88 -5.89
N ILE A 23 -18.54 1.60 -5.96
CA ILE A 23 -19.50 0.53 -6.09
C ILE A 23 -20.30 0.43 -4.76
N ALA A 24 -19.62 0.47 -3.62
CA ALA A 24 -20.34 0.48 -2.33
C ALA A 24 -21.28 1.69 -2.25
N THR A 25 -20.79 2.84 -2.67
CA THR A 25 -21.60 4.05 -2.62
C THR A 25 -22.80 3.91 -3.56
N GLU A 26 -22.56 3.37 -4.78
CA GLU A 26 -23.66 3.14 -5.73
C GLU A 26 -24.70 2.24 -5.12
N TYR A 28 -25.65 2.05 -2.20
CA TYR A 28 -26.44 2.75 -1.21
C TYR A 28 -27.17 3.97 -1.78
N GLY A 29 -27.26 4.04 -3.10
CA GLY A 29 -28.10 5.03 -3.76
C GLY A 29 -27.44 6.32 -4.16
N ALA A 30 -26.11 6.42 -4.09
CA ALA A 30 -25.45 7.71 -4.33
C ALA A 30 -24.33 7.55 -5.32
N THR A 31 -23.87 8.67 -5.84
CA THR A 31 -22.79 8.71 -6.80
C THR A 31 -21.52 9.30 -6.16
N LEU A 32 -20.44 8.53 -6.17
CA LEU A 32 -19.15 8.99 -5.68
C LEU A 32 -18.39 9.66 -6.82
N THR A 33 -18.18 10.98 -6.73
CA THR A 33 -17.32 11.61 -7.73
C THR A 33 -15.84 11.51 -7.37
N HIS A 34 -15.01 11.62 -8.39
CA HIS A 34 -13.59 11.72 -8.19
C HIS A 34 -13.23 12.92 -7.30
N ASP A 35 -13.97 14.01 -7.50
CA ASP A 35 -13.71 15.21 -6.72
C ASP A 35 -13.98 14.92 -5.24
N PHE A 36 -15.09 14.27 -4.95
CA PHE A 36 -15.43 13.96 -3.59
C PHE A 36 -14.40 12.98 -3.00
N PHE A 37 -14.03 11.96 -3.77
CA PHE A 37 -13.08 10.95 -3.33
C PHE A 37 -11.76 11.59 -2.92
N VAL A 38 -11.30 12.54 -3.73
CA VAL A 38 -10.02 13.20 -3.46
C VAL A 38 -10.12 14.00 -2.18
N LYS A 39 -11.24 14.66 -1.97
CA LYS A 39 -11.38 15.56 -0.85
C LYS A 39 -11.72 14.88 0.48
N TYR A 40 -12.50 13.80 0.48
CA TYR A 40 -13.00 13.27 1.75
C TYR A 40 -12.69 11.81 2.05
N VAL A 41 -12.05 11.11 1.14
CA VAL A 41 -11.84 9.67 1.28
C VAL A 41 -10.40 9.27 1.10
N SER A 42 -9.84 9.69 -0.04
CA SER A 42 -8.50 9.32 -0.45
C SER A 42 -7.45 9.66 0.63
N GLY A 43 -6.64 8.68 1.01
CA GLY A 43 -5.55 8.89 1.94
C GLY A 43 -5.97 9.02 3.40
N ARG A 44 -7.25 8.82 3.68
CA ARG A 44 -7.72 8.89 5.05
C ARG A 44 -8.04 7.51 5.55
N PRO A 45 -8.03 7.30 6.87
CA PRO A 45 -8.49 5.99 7.38
C PRO A 45 -9.87 5.58 6.82
N ARG A 46 -10.00 4.27 6.59
CA ARG A 46 -11.15 3.66 5.96
C ARG A 46 -12.47 4.12 6.62
N TYR A 47 -12.51 4.19 7.95
CA TYR A 47 -13.79 4.49 8.61
C TYR A 47 -14.09 5.97 8.51
N GLU A 48 -13.03 6.77 8.39
CA GLU A 48 -13.23 8.20 8.19
C GLU A 48 -13.81 8.47 6.78
N GLY A 49 -13.18 7.89 5.76
CA GLY A 49 -13.75 7.87 4.41
C GLY A 49 -15.19 7.44 4.40
N ALA A 50 -15.49 6.30 5.02
CA ALA A 50 -16.85 5.77 4.99
C ALA A 50 -17.85 6.73 5.64
N ALA A 51 -17.46 7.31 6.77
CA ALA A 51 -18.35 8.19 7.49
C ALA A 51 -18.54 9.48 6.71
N ASN A 52 -17.48 9.95 6.05
CA ASN A 52 -17.66 11.10 5.14
C ASN A 52 -18.66 10.87 4.00
N ILE A 53 -18.61 9.68 3.39
CA ILE A 53 -19.56 9.34 2.34
C ILE A 53 -20.99 9.26 2.87
N LEU A 54 -21.19 8.50 3.94
CA LEU A 54 -22.54 8.32 4.50
C LEU A 54 -23.19 9.66 4.94
N SER A 55 -22.43 10.55 5.55
CA SER A 55 -23.01 11.85 5.98
C SER A 55 -23.17 12.82 4.82
N ARG A 56 -22.10 13.11 4.10
CA ARG A 56 -22.17 14.16 3.09
C ARG A 56 -22.91 13.83 1.81
N LEU A 57 -23.03 12.55 1.41
CA LEU A 57 -23.80 12.25 0.21
C LEU A 57 -25.24 11.94 0.57
N GLY A 58 -25.61 12.17 1.83
CA GLY A 58 -26.99 12.14 2.25
C GLY A 58 -27.58 10.78 2.53
N ILE A 59 -26.71 9.78 2.66
CA ILE A 59 -27.23 8.42 2.79
C ILE A 59 -27.85 8.17 4.18
N TYR A 60 -27.20 8.66 5.26
CA TYR A 60 -27.81 8.62 6.60
C TYR A 60 -29.23 9.20 6.57
N GLN A 61 -29.30 10.47 6.14
CA GLN A 61 -30.55 11.22 6.05
C GLN A 61 -31.62 10.48 5.26
N LYS A 62 -31.26 10.04 4.05
CA LYS A 62 -32.15 9.27 3.19
C LYS A 62 -32.78 8.04 3.88
N LEU A 63 -32.00 7.31 4.68
CA LEU A 63 -32.47 6.04 5.23
C LEU A 63 -33.06 6.18 6.62
N GLY A 64 -33.17 7.41 7.12
CA GLY A 64 -33.74 7.62 8.44
C GLY A 64 -32.80 7.27 9.59
N VAL A 65 -31.52 7.17 9.29
CA VAL A 65 -30.50 6.83 10.27
C VAL A 65 -30.12 8.08 11.07
N LYS A 66 -30.70 8.25 12.26
CA LYS A 66 -30.60 9.52 13.02
C LYS A 66 -29.73 9.50 14.29
N THR A 67 -29.86 8.47 15.11
CA THR A 67 -29.07 8.38 16.34
C THR A 67 -27.66 7.87 16.08
N GLU A 68 -26.77 8.04 17.04
CA GLU A 68 -25.38 7.64 16.86
C GLU A 68 -25.27 6.12 16.77
N GLU A 69 -26.18 5.39 17.40
CA GLU A 69 -26.04 3.94 17.39
C GLU A 69 -26.52 3.44 16.04
N GLU A 70 -27.49 4.13 15.46
CA GLU A 70 -27.99 3.75 14.15
C GLU A 70 -26.95 4.07 13.09
N LYS A 71 -26.30 5.24 13.25
CA LYS A 71 -25.27 5.68 12.33
C LYS A 71 -24.14 4.67 12.38
N LEU A 72 -23.82 4.26 13.58
CA LEU A 72 -22.66 3.43 13.79
C LEU A 72 -22.90 2.06 13.21
N LYS A 73 -24.12 1.56 13.37
CA LYS A 73 -24.49 0.27 12.81
C LYS A 73 -24.30 0.26 11.27
N LEU A 74 -24.74 1.32 10.62
CA LEU A 74 -24.62 1.42 9.17
C LEU A 74 -23.19 1.69 8.75
N LEU A 75 -22.46 2.50 9.54
CA LEU A 75 -21.05 2.78 9.23
C LEU A 75 -20.24 1.48 9.14
N LEU A 76 -20.39 0.62 10.13
CA LEU A 76 -19.61 -0.59 10.13
C LEU A 76 -20.04 -1.54 9.02
N GLU A 77 -21.33 -1.53 8.66
CA GLU A 77 -21.85 -2.36 7.56
C GLU A 77 -21.20 -1.88 6.25
N PHE A 78 -21.26 -0.57 6.05
CA PHE A 78 -20.76 0.06 4.85
C PHE A 78 -19.27 -0.17 4.67
N ALA A 79 -18.52 -0.05 5.75
CA ALA A 79 -17.07 -0.21 5.65
C ALA A 79 -16.73 -1.67 5.41
N GLU A 80 -17.52 -2.58 5.96
CA GLU A 80 -17.28 -3.99 5.70
C GLU A 80 -17.66 -4.32 4.22
N LEU A 81 -18.76 -3.74 3.71
CA LEU A 81 -19.18 -3.94 2.32
C LEU A 81 -18.06 -3.53 1.38
N LYS A 82 -17.41 -2.40 1.67
CA LYS A 82 -16.29 -1.93 0.83
C LYS A 82 -15.11 -2.93 0.81
N ASN A 83 -14.74 -3.49 1.98
CA ASN A 83 -13.74 -4.57 2.03
C ASN A 83 -14.16 -5.80 1.24
N ARG A 84 -15.42 -6.18 1.39
CA ARG A 84 -15.94 -7.34 0.66
C ARG A 84 -15.85 -7.12 -0.87
N ILE A 85 -16.08 -5.90 -1.31
CA ILE A 85 -15.94 -5.57 -2.72
C ILE A 85 -14.47 -5.57 -3.18
N VAL A 86 -13.55 -5.05 -2.35
CA VAL A 86 -12.11 -5.17 -2.66
C VAL A 86 -11.75 -6.67 -2.85
N ASN A 87 -12.24 -7.52 -1.97
CA ASN A 87 -12.00 -8.94 -2.06
C ASN A 87 -12.53 -9.54 -3.36
N GLU A 88 -13.79 -9.24 -3.69
CA GLU A 88 -14.38 -9.78 -4.89
C GLU A 88 -13.65 -9.25 -6.14
N PHE A 90 -10.55 -8.45 -6.38
CA PHE A 90 -9.30 -9.24 -6.38
C PHE A 90 -9.56 -10.67 -6.94
N GLU A 91 -10.60 -11.34 -6.43
CA GLU A 91 -11.07 -12.62 -6.97
C GLU A 91 -11.32 -12.60 -8.48
N ARG A 92 -11.74 -11.46 -9.03
CA ARG A 92 -11.96 -11.26 -10.48
C ARG A 92 -10.69 -10.84 -11.26
N GLY A 93 -9.52 -10.80 -10.62
CA GLY A 93 -8.29 -10.45 -11.35
C GLY A 93 -8.11 -8.98 -11.69
N GLU A 94 -8.80 -8.09 -10.98
CA GLU A 94 -8.75 -6.67 -11.35
C GLU A 94 -7.50 -5.99 -10.79
N TYR A 95 -6.37 -6.23 -11.43
CA TYR A 95 -5.11 -5.55 -11.11
C TYR A 95 -4.21 -5.53 -12.34
N GLU A 96 -3.22 -4.65 -12.32
CA GLU A 96 -2.11 -4.74 -13.26
C GLU A 96 -0.80 -4.88 -12.50
N VAL A 97 0.11 -5.68 -13.06
CA VAL A 97 1.46 -5.83 -12.53
C VAL A 97 2.35 -4.65 -12.92
N ASN A 98 3.07 -4.07 -11.97
CA ASN A 98 4.05 -3.07 -12.35
C ASN A 98 5.39 -3.73 -12.65
N TRP A 99 5.56 -4.22 -13.87
CA TRP A 99 6.82 -4.90 -14.25
C TRP A 99 8.05 -4.00 -14.08
N GLU A 100 7.91 -2.69 -14.24
CA GLU A 100 9.09 -1.84 -14.08
C GLU A 100 9.59 -1.81 -12.62
N ALA A 101 8.69 -2.05 -11.65
CA ALA A 101 9.09 -2.16 -10.25
C ALA A 101 9.83 -3.48 -10.04
N ILE A 102 9.28 -4.55 -10.60
CA ILE A 102 9.92 -5.84 -10.58
C ILE A 102 11.31 -5.78 -11.21
N LYS A 103 11.46 -4.94 -12.22
CA LYS A 103 12.77 -4.73 -12.85
C LYS A 103 13.78 -4.24 -11.81
N PHE A 104 13.47 -3.14 -11.16
CA PHE A 104 14.37 -2.61 -10.15
C PHE A 104 14.63 -3.58 -9.01
N LEU A 105 13.58 -4.26 -8.55
CA LEU A 105 13.69 -5.32 -7.55
C LEU A 105 14.73 -6.38 -7.93
N LEU A 106 14.67 -6.83 -9.17
CA LEU A 106 15.64 -7.84 -9.65
C LEU A 106 17.06 -7.26 -9.70
N GLU A 107 17.17 -6.00 -10.12
CA GLU A 107 18.43 -5.28 -10.12
C GLU A 107 19.04 -5.21 -8.72
N THR A 108 18.23 -4.90 -7.71
CA THR A 108 18.78 -4.81 -6.36
C THR A 108 19.21 -6.20 -5.90
N LYS A 109 18.45 -7.21 -6.28
CA LYS A 109 18.75 -8.58 -5.87
C LYS A 109 20.13 -9.01 -6.36
N GLU A 110 20.48 -8.69 -7.61
CA GLU A 110 21.76 -9.16 -8.18
C GLU A 110 22.97 -8.43 -7.57
N LYS A 111 22.74 -7.25 -7.01
CA LYS A 111 23.81 -6.52 -6.34
C LYS A 111 23.90 -6.86 -4.86
N GLY A 112 23.28 -7.97 -4.45
CA GLY A 112 23.34 -8.43 -3.06
C GLY A 112 22.41 -7.75 -2.04
N ILE A 113 21.46 -6.96 -2.50
CA ILE A 113 20.57 -6.24 -1.59
C ILE A 113 19.45 -7.19 -1.15
N LYS A 114 19.08 -7.14 0.13
CA LYS A 114 18.02 -8.01 0.65
C LYS A 114 16.66 -7.30 0.59
N ASN A 115 15.65 -8.03 0.15
CA ASN A 115 14.32 -7.48 -0.10
C ASN A 115 13.23 -8.20 0.69
N ALA A 116 12.43 -7.43 1.43
CA ALA A 116 11.27 -7.97 2.16
C ALA A 116 9.94 -7.47 1.56
N LEU A 117 8.98 -8.37 1.38
CA LEU A 117 7.62 -7.98 1.00
C LEU A 117 6.81 -7.70 2.28
N ALA A 118 6.28 -6.49 2.37
CA ALA A 118 5.72 -6.02 3.62
C ALA A 118 4.41 -5.28 3.42
N SER A 119 3.37 -6.02 3.07
CA SER A 119 2.05 -5.44 2.88
C SER A 119 1.16 -5.73 4.07
N ALA A 120 0.22 -4.82 4.38
CA ALA A 120 -0.75 -5.07 5.46
C ALA A 120 -1.89 -5.95 4.96
N SER A 121 -1.98 -6.08 3.64
CA SER A 121 -3.09 -6.84 3.03
C SER A 121 -2.96 -8.37 3.11
N LYS A 122 -4.07 -8.99 3.45
CA LYS A 122 -4.20 -10.44 3.49
C LYS A 122 -4.02 -11.12 2.12
N ASN A 123 -4.06 -10.33 1.06
CA ASN A 123 -4.05 -10.86 -0.31
C ASN A 123 -2.74 -10.69 -1.05
N ALA A 124 -1.82 -9.94 -0.47
CA ALA A 124 -0.58 -9.65 -1.16
C ALA A 124 0.19 -10.93 -1.50
N GLU A 125 0.33 -11.80 -0.51
CA GLU A 125 1.11 -13.03 -0.65
C GLU A 125 0.52 -13.93 -1.73
N LYS A 126 -0.79 -14.14 -1.68
CA LYS A 126 -1.51 -14.92 -2.70
C LYS A 126 -1.23 -14.39 -4.10
N LEU A 127 -1.45 -13.09 -4.31
CA LEU A 127 -1.18 -12.49 -5.62
C LEU A 127 0.30 -12.61 -6.00
N ALA A 128 1.19 -12.37 -5.04
CA ALA A 128 2.64 -12.47 -5.30
C ALA A 128 3.05 -13.90 -5.71
N ARG A 129 2.39 -14.88 -5.11
CA ARG A 129 2.61 -16.29 -5.38
C ARG A 129 2.23 -16.65 -6.83
N LYS A 130 1.24 -15.95 -7.38
CA LYS A 130 0.68 -16.33 -8.68
C LYS A 130 1.27 -15.57 -9.85
N ILE A 131 1.85 -14.40 -9.59
CA ILE A 131 2.54 -13.63 -10.62
C ILE A 131 3.89 -14.27 -10.96
N LYS A 132 4.16 -14.52 -12.24
CA LYS A 132 5.38 -15.24 -12.58
C LYS A 132 6.49 -14.32 -13.08
N VAL A 133 7.69 -14.56 -12.55
CA VAL A 133 8.89 -13.89 -13.00
C VAL A 133 9.91 -14.96 -13.31
N ASN A 134 10.25 -15.12 -14.58
CA ASN A 134 11.08 -16.23 -15.05
C ASN A 134 10.50 -17.57 -14.58
N ASN A 135 11.30 -18.33 -13.83
CA ASN A 135 10.87 -19.65 -13.42
C ASN A 135 10.47 -19.71 -11.95
N LYS A 136 9.94 -18.62 -11.44
CA LYS A 136 9.41 -18.59 -10.09
C LYS A 136 8.32 -17.54 -9.93
N SER A 137 7.71 -17.50 -8.76
CA SER A 137 6.77 -16.45 -8.44
C SER A 137 7.49 -15.18 -7.98
N LEU A 138 6.83 -14.04 -8.15
CA LEU A 138 7.34 -12.77 -7.62
C LEU A 138 7.59 -12.93 -6.13
N LEU A 139 6.72 -13.71 -5.49
CA LEU A 139 6.91 -14.01 -4.08
C LEU A 139 8.32 -14.59 -3.80
N GLU A 140 8.76 -15.57 -4.58
CA GLU A 140 10.04 -16.23 -4.27
C GLU A 140 11.29 -15.36 -4.59
N ILE A 141 11.10 -14.23 -5.26
CA ILE A 141 12.18 -13.27 -5.47
C ILE A 141 12.59 -12.54 -4.20
N PHE A 142 11.66 -12.42 -3.25
CA PHE A 142 11.94 -11.73 -2.01
C PHE A 142 12.72 -12.66 -1.10
N ASP A 143 13.62 -12.10 -0.33
CA ASP A 143 14.29 -12.91 0.69
C ASP A 143 13.35 -13.19 1.83
N LEU A 144 12.29 -12.39 1.91
CA LEU A 144 11.49 -12.35 3.12
C LEU A 144 10.07 -11.81 2.85
N ASN A 145 9.06 -12.43 3.43
CA ASN A 145 7.69 -11.96 3.32
C ASN A 145 7.03 -11.91 4.68
N VAL A 146 6.48 -10.75 5.07
CA VAL A 146 5.75 -10.67 6.33
C VAL A 146 4.33 -10.15 6.11
N SER A 147 3.85 -10.22 4.87
CA SER A 147 2.58 -9.61 4.49
C SER A 147 1.37 -10.17 5.25
N GLY A 148 0.47 -9.29 5.66
CA GLY A 148 -0.73 -9.71 6.36
C GLY A 148 -0.50 -10.18 7.78
N ARG A 149 0.72 -10.01 8.32
CA ARG A 149 1.01 -10.48 9.67
C ARG A 149 0.76 -9.38 10.70
N ALA A 150 0.35 -8.19 10.23
CA ALA A 150 -0.18 -7.14 11.11
C ALA A 150 -1.10 -6.27 10.26
N GLU A 151 -1.73 -5.25 10.85
CA GLU A 151 -2.77 -4.53 10.09
C GLU A 151 -2.54 -3.02 9.91
N THR A 152 -1.36 -2.52 10.29
CA THR A 152 -0.99 -1.21 9.80
C THR A 152 0.33 -1.33 9.06
N LYS A 153 0.59 -0.36 8.19
CA LYS A 153 1.83 -0.29 7.44
C LYS A 153 3.05 -0.21 8.37
N GLU A 154 2.93 0.60 9.41
CA GLU A 154 4.03 0.75 10.33
C GLU A 154 4.31 -0.56 11.06
N ASP A 155 3.28 -1.31 11.47
CA ASP A 155 3.54 -2.58 12.14
C ASP A 155 4.14 -3.62 11.20
N VAL A 156 3.72 -3.62 9.94
CA VAL A 156 4.26 -4.62 9.02
C VAL A 156 5.71 -4.23 8.63
N PHE A 157 5.95 -2.92 8.48
CA PHE A 157 7.29 -2.43 8.16
C PHE A 157 8.25 -2.76 9.31
N LYS A 158 7.75 -2.58 10.53
CA LYS A 158 8.55 -2.83 11.72
C LYS A 158 8.92 -4.30 11.74
N LEU A 159 7.92 -5.16 11.54
CA LEU A 159 8.15 -6.59 11.51
C LEU A 159 9.17 -6.94 10.39
N ALA A 160 8.98 -6.37 9.20
CA ALA A 160 9.91 -6.69 8.12
C ALA A 160 11.35 -6.27 8.51
N LYS A 161 11.49 -5.14 9.20
CA LYS A 161 12.80 -4.63 9.57
C LYS A 161 13.50 -5.54 10.60
N GLU A 162 12.74 -5.96 11.62
CA GLU A 162 13.24 -6.87 12.63
C GLU A 162 13.66 -8.21 12.05
N GLU A 163 12.88 -8.72 11.10
CA GLU A 163 13.20 -10.00 10.50
C GLU A 163 14.38 -9.91 9.51
N LEU A 164 14.48 -8.80 8.79
CA LEU A 164 15.63 -8.60 7.92
C LEU A 164 16.91 -8.55 8.76
N LYS A 165 16.85 -7.90 9.91
CA LYS A 165 18.01 -7.78 10.78
C LYS A 165 18.38 -9.12 11.42
N LEU A 166 17.41 -9.88 11.91
CA LEU A 166 17.65 -11.21 12.44
C LEU A 166 18.30 -12.12 11.42
N ASN A 167 17.72 -12.19 10.23
CA ASN A 167 18.27 -13.03 9.16
C ASN A 167 19.62 -12.58 8.64
N PHE A 168 19.80 -11.26 8.55
CA PHE A 168 21.03 -10.64 8.02
C PHE A 168 21.54 -9.50 8.91
N PRO A 169 22.25 -9.84 10.01
CA PRO A 169 22.64 -8.87 11.06
C PRO A 169 23.51 -7.74 10.53
N GLU A 170 24.14 -7.95 9.39
CA GLU A 170 25.08 -7.00 8.84
C GLU A 170 24.40 -6.07 7.83
N ILE A 171 23.07 -6.01 7.89
CA ILE A 171 22.32 -4.96 7.20
C ILE A 171 22.34 -3.73 8.12
N LYS A 172 22.64 -2.57 7.54
CA LYS A 172 22.77 -1.32 8.32
C LYS A 172 21.84 -0.25 7.79
N TYR A 173 21.43 -0.38 6.53
CA TYR A 173 20.55 0.63 5.92
C TYR A 173 19.28 0.01 5.37
N PHE A 174 18.16 0.61 5.76
CA PHE A 174 16.83 0.18 5.37
C PHE A 174 16.14 1.24 4.52
N PHE A 175 15.57 0.79 3.40
CA PHE A 175 14.69 1.59 2.55
C PHE A 175 13.23 1.06 2.57
N VAL A 176 12.29 1.96 2.38
CA VAL A 176 10.89 1.61 2.20
C VAL A 176 10.38 2.14 0.87
N VAL A 177 10.00 1.24 -0.03
CA VAL A 177 9.32 1.61 -1.27
C VAL A 177 7.82 1.78 -1.04
N GLU A 178 7.33 3.02 -1.15
CA GLU A 178 5.97 3.35 -0.75
C GLU A 178 5.30 4.36 -1.69
N ASP A 179 3.98 4.21 -1.82
CA ASP A 179 3.18 4.89 -2.81
C ASP A 179 2.18 5.85 -2.15
N ALA A 180 2.03 5.73 -0.83
CA ALA A 180 1.01 6.47 -0.08
C ALA A 180 1.63 7.33 0.98
N PRO A 181 1.10 8.55 1.17
CA PRO A 181 1.58 9.48 2.20
C PRO A 181 1.69 8.85 3.61
N SER A 182 0.70 8.05 4.00
CA SER A 182 0.71 7.38 5.30
C SER A 182 1.87 6.40 5.41
N GLY A 183 2.27 5.81 4.29
CA GLY A 183 3.32 4.81 4.29
C GLY A 183 4.66 5.48 4.46
N ILE A 184 4.76 6.67 3.87
CA ILE A 184 5.95 7.48 3.95
C ILE A 184 6.16 7.81 5.40
N ARG A 185 5.08 8.19 6.09
CA ARG A 185 5.15 8.44 7.54
C ARG A 185 5.50 7.17 8.30
N ALA A 186 4.96 6.04 7.85
CA ALA A 186 5.22 4.77 8.53
C ALA A 186 6.69 4.39 8.34
N GLY A 187 7.22 4.67 7.15
CA GLY A 187 8.61 4.39 6.87
C GLY A 187 9.56 5.18 7.76
N LYS A 188 9.28 6.48 7.90
CA LYS A 188 10.11 7.36 8.72
C LYS A 188 10.03 6.94 10.17
N ALA A 189 8.84 6.58 10.63
CA ALA A 189 8.68 6.12 12.00
C ALA A 189 9.54 4.90 12.35
N ILE A 190 9.84 4.04 11.38
CA ILE A 190 10.72 2.91 11.68
C ILE A 190 12.18 3.15 11.31
N GLY A 191 12.52 4.39 10.97
CA GLY A 191 13.90 4.75 10.68
C GLY A 191 14.42 4.24 9.35
N ALA A 192 13.60 4.29 8.32
CA ALA A 192 14.06 3.87 6.99
C ALA A 192 14.11 5.09 6.10
N ILE A 193 14.87 4.97 5.02
CA ILE A 193 14.94 5.99 4.00
C ILE A 193 13.77 5.75 3.05
N THR A 194 12.91 6.76 2.89
CA THR A 194 11.66 6.52 2.19
C THR A 194 11.76 6.85 0.71
N LEU A 195 11.48 5.83 -0.10
CA LEU A 195 11.45 5.97 -1.55
C LEU A 195 10.00 6.16 -1.99
N GLY A 196 9.62 7.41 -2.21
CA GLY A 196 8.26 7.79 -2.56
C GLY A 196 7.94 7.66 -4.04
N TYR A 197 7.24 6.59 -4.38
CA TYR A 197 6.71 6.38 -5.73
C TYR A 197 5.43 7.20 -5.94
N GLU A 198 5.55 8.32 -6.64
CA GLU A 198 4.38 9.12 -6.94
C GLU A 198 3.76 8.67 -8.25
N ARG A 199 2.78 7.80 -8.18
CA ARG A 199 2.02 7.51 -9.38
C ARG A 199 0.82 8.45 -9.35
N GLU A 200 0.26 8.71 -8.16
CA GLU A 200 -0.91 9.59 -8.03
C GLU A 200 -0.73 10.69 -6.99
N SER A 201 -0.52 10.34 -5.72
CA SER A 201 -0.28 11.36 -4.69
C SER A 201 1.14 11.89 -4.79
N SER A 202 1.43 12.99 -4.12
CA SER A 202 2.69 13.69 -4.37
C SER A 202 3.86 13.31 -3.45
N LEU A 203 3.60 12.89 -2.22
CA LEU A 203 4.65 12.35 -1.32
C LEU A 203 5.84 13.30 -1.05
N GLU A 204 5.50 14.53 -0.69
CA GLU A 204 6.47 15.55 -0.38
C GLU A 204 7.36 15.20 0.82
N GLU A 205 6.81 14.44 1.78
CA GLU A 205 7.57 14.05 2.98
C GLU A 205 8.64 12.98 2.72
N ALA A 206 8.67 12.41 1.51
CA ALA A 206 9.57 11.31 1.21
C ALA A 206 10.99 11.78 0.92
N ASP A 207 11.97 10.96 1.29
CA ASP A 207 13.38 11.31 1.15
C ASP A 207 13.81 11.34 -0.31
N PHE A 208 13.18 10.50 -1.11
CA PHE A 208 13.43 10.49 -2.54
C PHE A 208 12.10 10.28 -3.27
N ARG A 209 11.74 11.26 -4.09
CA ARG A 209 10.51 11.25 -4.86
C ARG A 209 10.82 10.87 -6.29
N PHE A 210 10.02 9.97 -6.86
CA PHE A 210 10.21 9.56 -8.25
C PHE A 210 8.88 9.17 -8.89
N SER A 211 8.84 9.11 -10.22
CA SER A 211 7.57 8.91 -10.90
C SER A 211 7.56 7.61 -11.68
N SER A 212 8.73 7.04 -11.89
CA SER A 212 8.85 5.78 -12.60
C SER A 212 10.04 5.03 -12.03
N PHE A 213 10.02 3.70 -12.04
CA PHE A 213 11.20 2.95 -11.63
C PHE A 213 12.19 3.05 -12.79
N GLY A 214 13.37 2.47 -12.67
CA GLY A 214 14.36 2.66 -13.71
C GLY A 214 14.96 4.06 -13.62
N GLU A 215 14.16 5.00 -13.16
CA GLU A 215 14.63 6.28 -12.64
C GLU A 215 15.36 6.05 -11.30
N LEU A 216 15.24 4.82 -10.80
CA LEU A 216 16.04 4.35 -9.68
C LEU A 216 17.19 3.48 -10.14
N SER A 217 18.36 3.69 -9.56
CA SER A 217 19.49 2.79 -9.75
C SER A 217 19.93 2.30 -8.38
N VAL A 218 20.62 1.16 -8.33
CA VAL A 218 21.31 0.76 -7.10
C VAL A 218 22.19 1.94 -6.62
N ASP A 219 22.78 2.62 -7.60
CA ASP A 219 23.64 3.76 -7.34
C ASP A 219 22.88 4.93 -6.71
N THR A 220 21.60 5.06 -7.04
CA THR A 220 20.75 6.05 -6.38
C THR A 220 20.71 5.76 -4.88
N LEU A 221 20.67 4.47 -4.53
CA LEU A 221 20.56 4.08 -3.13
C LEU A 221 21.80 4.51 -2.37
N LEU A 222 22.96 4.09 -2.87
CA LEU A 222 24.26 4.43 -2.26
C LEU A 222 24.38 5.94 -2.16
N SER A 223 24.02 6.60 -3.25
CA SER A 223 23.95 8.03 -3.28
C SER A 223 23.04 8.61 -2.21
N LEU A 224 21.98 7.88 -1.83
CA LEU A 224 21.00 8.39 -0.85
C LEU A 224 21.51 8.30 0.58
N ILE A 225 22.55 7.49 0.77
CA ILE A 225 23.07 7.19 2.10
C ILE A 225 24.22 8.08 2.73
N GLY A 226 24.78 9.13 2.10
CA GLY A 226 24.30 9.88 0.95
C GLY A 226 23.79 11.34 0.99
N GLY A 227 23.84 12.09 2.10
CA GLY A 227 24.40 11.71 3.39
C GLY A 227 23.44 10.85 4.19
N GLY A 228 22.17 10.90 3.82
CA GLY A 228 21.14 10.06 4.42
C GLY A 228 21.03 10.21 5.92
#